data_4QX4
#
_entry.id   4QX4
#
_cell.length_a   49.430
_cell.length_b   66.932
_cell.length_c   47.411
_cell.angle_alpha   90.00
_cell.angle_beta   91.92
_cell.angle_gamma   90.00
#
_symmetry.space_group_name_H-M   'P 1 21 1'
#
loop_
_entity.id
_entity.type
_entity.pdbx_description
1 polymer 'Aldose reductase'
2 non-polymer 'NADP NICOTINAMIDE-ADENINE-DINUCLEOTIDE PHOSPHATE'
3 non-polymer '(3-thioxo-2,3-dihydro-5H-[1,2,4]triazino[5,6-b]indol-5-yl)acetic acid'
4 water water
#
_entity_poly.entity_id   1
_entity_poly.type   'polypeptide(L)'
_entity_poly.pdbx_seq_one_letter_code
;MASRILLNNGAKMPILGLGTWKSPPGQVTEAVKVAIDVGYRHIDCAHVYQNENEVGVAIQEKLREQVVKREELFIVSKLW
CTYHEKGLVKGACQKTLSDLKLDYLDLYLIHWPTGFKPGKEFFPLDESGNVVPSDTNILDTWAAMEELVDEGLVKAIGIS
NFNHLQVEMILNKPGLKYKPAVNQIECHPYLTQEKLIQYCQSKGIVVTAYSPLGSPDRPWAKPEDPSLLEDPRIKAIAAK
HNKTTAQVLIRFPMQRNLVVIPKSVTPERIAENFKVFDFELSSQDMTTLLSYNRNWRVCALLSCTSHKDYPFHEEF
;
_entity_poly.pdbx_strand_id   A
#
# COMPACT_ATOMS: atom_id res chain seq x y z
N MET A 1 20.50 -8.93 -0.06
CA MET A 1 19.20 -8.32 0.16
C MET A 1 18.63 -8.68 1.52
N ALA A 2 18.70 -7.74 2.46
CA ALA A 2 18.09 -7.90 3.77
C ALA A 2 16.57 -8.02 3.63
N SER A 3 15.93 -8.66 4.59
CA SER A 3 14.49 -8.87 4.49
C SER A 3 13.67 -7.67 4.94
N ARG A 4 14.27 -6.74 5.70
CA ARG A 4 13.54 -5.60 6.22
C ARG A 4 14.25 -4.28 5.95
N ILE A 5 13.47 -3.20 5.92
CA ILE A 5 13.99 -1.85 5.72
C ILE A 5 13.69 -1.01 6.96
N LEU A 6 14.65 -0.18 7.36
CA LEU A 6 14.48 0.66 8.54
C LEU A 6 13.61 1.88 8.26
N LEU A 7 12.54 2.05 9.04
CA LEU A 7 11.69 3.22 8.96
C LEU A 7 12.16 4.34 9.87
N ASN A 8 11.69 5.55 9.59
CA ASN A 8 12.07 6.72 10.36
C ASN A 8 11.40 6.80 11.74
N ASN A 9 10.66 5.76 12.13
CA ASN A 9 10.21 5.63 13.51
C ASN A 9 11.07 4.65 14.32
N GLY A 10 12.12 4.12 13.70
CA GLY A 10 12.98 3.16 14.37
C GLY A 10 12.61 1.70 14.22
N ALA A 11 11.47 1.41 13.59
CA ALA A 11 11.03 0.03 13.38
C ALA A 11 11.47 -0.50 12.02
N LYS A 12 11.53 -1.82 11.89
CA LYS A 12 11.91 -2.45 10.63
C LYS A 12 10.71 -3.06 9.94
N MET A 13 10.58 -2.78 8.65
CA MET A 13 9.43 -3.21 7.84
C MET A 13 9.85 -4.26 6.80
N PRO A 14 9.17 -5.42 6.78
CA PRO A 14 9.53 -6.43 5.78
C PRO A 14 9.30 -5.90 4.36
N ILE A 15 10.29 -6.07 3.48
CA ILE A 15 10.21 -5.48 2.15
C ILE A 15 9.25 -6.22 1.22
N LEU A 16 8.84 -7.42 1.62
CA LEU A 16 7.81 -8.15 0.90
C LEU A 16 6.58 -8.32 1.78
N GLY A 17 5.41 -7.96 1.27
CA GLY A 17 4.18 -8.22 1.97
C GLY A 17 3.10 -8.80 1.05
N LEU A 18 2.04 -9.30 1.65
CA LEU A 18 0.89 -9.84 0.92
C LEU A 18 -0.21 -8.78 0.78
N GLY A 19 -0.58 -8.49 -0.46
CA GLY A 19 -1.71 -7.62 -0.70
C GLY A 19 -3.04 -8.33 -0.55
N THR A 20 -4.09 -7.59 -0.19
CA THR A 20 -5.41 -8.18 0.07
C THR A 20 -6.58 -7.48 -0.63
N TRP A 21 -6.32 -6.47 -1.46
CA TRP A 21 -7.41 -5.86 -2.22
C TRP A 21 -7.91 -6.86 -3.27
N LYS A 22 -9.23 -7.09 -3.27
CA LYS A 22 -9.93 -8.02 -4.17
C LYS A 22 -9.87 -9.47 -3.72
N SER A 23 -9.15 -9.76 -2.64
CA SER A 23 -9.11 -11.12 -2.12
C SER A 23 -10.46 -11.46 -1.52
N PRO A 24 -11.17 -12.44 -2.12
CA PRO A 24 -12.54 -12.69 -1.66
C PRO A 24 -12.58 -13.11 -0.21
N PRO A 25 -13.64 -12.72 0.50
CA PRO A 25 -13.66 -13.01 1.93
C PRO A 25 -13.63 -14.51 2.23
N GLY A 26 -14.11 -15.34 1.29
CA GLY A 26 -14.10 -16.78 1.47
C GLY A 26 -12.77 -17.44 1.11
N GLN A 27 -11.81 -16.66 0.62
CA GLN A 27 -10.51 -17.19 0.24
C GLN A 27 -9.35 -16.54 0.99
N VAL A 28 -9.58 -15.35 1.55
CA VAL A 28 -8.46 -14.58 2.10
C VAL A 28 -7.93 -15.15 3.43
N THR A 29 -8.78 -15.81 4.19
CA THR A 29 -8.29 -16.41 5.44
C THR A 29 -7.22 -17.48 5.14
N GLU A 30 -7.51 -18.38 4.22
CA GLU A 30 -6.52 -19.37 3.84
C GLU A 30 -5.31 -18.72 3.16
N ALA A 31 -5.53 -17.67 2.38
CA ALA A 31 -4.41 -17.00 1.70
C ALA A 31 -3.42 -16.48 2.72
N VAL A 32 -3.92 -15.84 3.77
CA VAL A 32 -3.05 -15.26 4.79
C VAL A 32 -2.38 -16.36 5.64
N LYS A 33 -3.13 -17.42 5.95
CA LYS A 33 -2.55 -18.57 6.64
C LYS A 33 -1.36 -19.16 5.85
N VAL A 34 -1.58 -19.37 4.55
CA VAL A 34 -0.54 -19.90 3.67
C VAL A 34 0.65 -18.94 3.63
N ALA A 35 0.37 -17.66 3.44
CA ALA A 35 1.44 -16.65 3.38
C ALA A 35 2.32 -16.74 4.64
N ILE A 36 1.71 -16.73 5.81
CA ILE A 36 2.47 -16.80 7.05
C ILE A 36 3.25 -18.14 7.15
N ASP A 37 2.61 -19.24 6.74
CA ASP A 37 3.28 -20.54 6.74
C ASP A 37 4.53 -20.58 5.86
N VAL A 38 4.52 -19.84 4.75
CA VAL A 38 5.65 -19.89 3.82
C VAL A 38 6.63 -18.72 4.02
N GLY A 39 6.38 -17.88 5.02
CA GLY A 39 7.38 -16.92 5.45
C GLY A 39 7.00 -15.45 5.42
N TYR A 40 5.83 -15.10 4.87
CA TYR A 40 5.44 -13.69 4.87
C TYR A 40 5.24 -13.20 6.30
N ARG A 41 5.66 -11.97 6.54
CA ARG A 41 5.51 -11.36 7.85
C ARG A 41 4.84 -9.99 7.78
N HIS A 42 4.43 -9.58 6.59
CA HIS A 42 3.84 -8.26 6.35
C HIS A 42 2.57 -8.49 5.53
N ILE A 43 1.43 -7.99 6.03
CA ILE A 43 0.17 -8.07 5.31
C ILE A 43 -0.34 -6.64 5.12
N ASP A 44 -0.70 -6.30 3.87
CA ASP A 44 -1.29 -5.01 3.54
C ASP A 44 -2.81 -5.11 3.49
N CYS A 45 -3.47 -4.32 4.34
CA CYS A 45 -4.92 -4.37 4.53
C CYS A 45 -5.54 -3.00 4.33
N ALA A 46 -6.86 -2.97 4.28
CA ALA A 46 -7.58 -1.70 4.36
C ALA A 46 -9.03 -1.94 4.72
N HIS A 47 -9.62 -1.02 5.48
CA HIS A 47 -11.04 -1.09 5.79
C HIS A 47 -11.89 -1.19 4.52
N VAL A 48 -11.55 -0.39 3.51
CA VAL A 48 -12.33 -0.34 2.28
C VAL A 48 -12.29 -1.66 1.47
N TYR A 49 -11.36 -2.56 1.80
CA TYR A 49 -11.29 -3.84 1.10
C TYR A 49 -12.37 -4.81 1.56
N GLN A 50 -13.04 -4.50 2.68
CA GLN A 50 -14.21 -5.25 3.17
C GLN A 50 -13.89 -6.69 3.58
N ASN A 51 -12.64 -6.97 3.90
CA ASN A 51 -12.25 -8.32 4.28
C ASN A 51 -11.31 -8.35 5.48
N GLU A 52 -11.26 -7.27 6.27
CA GLU A 52 -10.35 -7.24 7.41
C GLU A 52 -10.72 -8.28 8.48
N ASN A 53 -12.01 -8.57 8.67
CA ASN A 53 -12.39 -9.58 9.65
C ASN A 53 -11.76 -10.93 9.31
N GLU A 54 -11.84 -11.29 8.03
CA GLU A 54 -11.34 -12.57 7.54
C GLU A 54 -9.80 -12.63 7.53
N VAL A 55 -9.16 -11.51 7.21
CA VAL A 55 -7.71 -11.43 7.35
C VAL A 55 -7.34 -11.66 8.82
N GLY A 56 -8.09 -11.02 9.71
CA GLY A 56 -7.83 -11.14 11.13
C GLY A 56 -7.95 -12.54 11.67
N VAL A 57 -8.91 -13.31 11.16
CA VAL A 57 -9.08 -14.69 11.57
C VAL A 57 -7.78 -15.47 11.31
N ALA A 58 -7.17 -15.25 10.15
CA ALA A 58 -5.93 -15.93 9.81
C ALA A 58 -4.78 -15.52 10.74
N ILE A 59 -4.63 -14.22 10.94
CA ILE A 59 -3.56 -13.73 11.81
C ILE A 59 -3.71 -14.33 13.21
N GLN A 60 -4.93 -14.31 13.71
CA GLN A 60 -5.18 -14.81 15.06
C GLN A 60 -4.89 -16.29 15.21
N GLU A 61 -5.27 -17.08 14.21
CA GLU A 61 -4.98 -18.50 14.25
C GLU A 61 -3.48 -18.77 14.25
N LYS A 62 -2.73 -18.02 13.43
CA LYS A 62 -1.29 -18.24 13.36
C LYS A 62 -0.56 -17.78 14.63
N LEU A 63 -1.08 -16.74 15.27
CA LEU A 63 -0.59 -16.34 16.59
C LEU A 63 -0.91 -17.42 17.63
N ARG A 64 -2.15 -17.92 17.63
CA ARG A 64 -2.56 -18.96 18.57
C ARG A 64 -1.75 -20.26 18.39
N GLU A 65 -1.50 -20.61 17.13
CA GLU A 65 -0.72 -21.80 16.79
C GLU A 65 0.77 -21.62 17.08
N GLN A 66 1.19 -20.40 17.40
CA GLN A 66 2.60 -20.05 17.63
C GLN A 66 3.48 -20.33 16.41
N VAL A 67 2.92 -20.09 15.24
CA VAL A 67 3.68 -20.09 14.00
C VAL A 67 4.52 -18.81 13.93
N VAL A 68 3.98 -17.74 14.50
N VAL A 68 4.00 -17.75 14.54
CA VAL A 68 4.66 -16.46 14.57
CA VAL A 68 4.64 -16.44 14.51
C VAL A 68 4.31 -15.78 15.87
C VAL A 68 4.24 -15.65 15.76
N LYS A 69 5.13 -14.81 16.27
CA LYS A 69 4.82 -13.93 17.40
C LYS A 69 4.35 -12.59 16.86
N ARG A 70 3.53 -11.88 17.64
CA ARG A 70 2.98 -10.61 17.17
C ARG A 70 4.08 -9.62 16.79
N GLU A 71 5.16 -9.60 17.56
CA GLU A 71 6.24 -8.65 17.29
C GLU A 71 6.95 -8.91 15.96
N GLU A 72 6.82 -10.12 15.43
CA GLU A 72 7.43 -10.50 14.16
C GLU A 72 6.55 -10.11 12.97
N LEU A 73 5.28 -9.84 13.23
CA LEU A 73 4.38 -9.44 12.15
C LEU A 73 4.40 -7.93 11.95
N PHE A 74 4.12 -7.53 10.72
CA PHE A 74 4.02 -6.13 10.35
C PHE A 74 2.70 -5.95 9.62
N ILE A 75 1.70 -5.46 10.34
CA ILE A 75 0.36 -5.35 9.80
C ILE A 75 0.05 -3.88 9.49
N VAL A 76 -0.34 -3.65 8.24
CA VAL A 76 -0.63 -2.32 7.72
C VAL A 76 -2.12 -2.21 7.39
N SER A 77 -2.74 -1.11 7.79
CA SER A 77 -4.07 -0.79 7.27
C SER A 77 -4.13 0.69 6.92
N LYS A 78 -5.31 1.14 6.50
CA LYS A 78 -5.47 2.45 5.90
C LYS A 78 -6.80 3.07 6.29
N LEU A 79 -6.75 4.38 6.54
CA LEU A 79 -7.90 5.22 6.85
C LEU A 79 -8.64 5.57 5.58
N TRP A 80 -9.89 5.15 5.46
CA TRP A 80 -10.65 5.44 4.25
C TRP A 80 -11.05 6.92 4.13
N CYS A 81 -11.37 7.34 2.91
CA CYS A 81 -11.60 8.74 2.58
C CYS A 81 -12.77 9.39 3.34
N THR A 82 -13.75 8.59 3.74
CA THR A 82 -14.92 9.10 4.44
C THR A 82 -14.65 9.31 5.94
N TYR A 83 -13.40 9.07 6.37
CA TYR A 83 -13.02 9.22 7.77
C TYR A 83 -11.89 10.23 7.98
N HIS A 84 -11.76 11.19 7.06
CA HIS A 84 -10.72 12.22 7.23
C HIS A 84 -11.03 13.25 8.32
N GLU A 85 -12.30 13.42 8.65
CA GLU A 85 -12.67 14.34 9.74
C GLU A 85 -11.91 13.97 11.02
N LYS A 86 -11.34 14.97 11.67
CA LYS A 86 -10.45 14.73 12.81
C LYS A 86 -11.12 13.85 13.87
N GLY A 87 -12.40 14.08 14.12
CA GLY A 87 -13.14 13.36 15.14
C GLY A 87 -13.54 11.94 14.77
N LEU A 88 -13.30 11.53 13.54
CA LEU A 88 -13.67 10.19 13.07
C LEU A 88 -12.47 9.25 12.93
N VAL A 89 -11.26 9.81 12.98
CA VAL A 89 -10.05 9.03 12.70
C VAL A 89 -9.85 7.90 13.71
N LYS A 90 -9.97 8.21 14.99
CA LYS A 90 -9.73 7.19 16.01
C LYS A 90 -10.71 6.02 15.89
N GLY A 91 -11.99 6.32 15.71
CA GLY A 91 -13.00 5.29 15.56
C GLY A 91 -12.74 4.40 14.36
N ALA A 92 -12.29 5.00 13.26
CA ALA A 92 -11.97 4.23 12.06
C ALA A 92 -10.81 3.27 12.34
N CYS A 93 -9.79 3.76 13.03
CA CYS A 93 -8.67 2.93 13.39
C CYS A 93 -9.12 1.80 14.32
N GLN A 94 -9.94 2.13 15.32
CA GLN A 94 -10.43 1.13 16.26
C GLN A 94 -11.28 0.03 15.59
N LYS A 95 -12.08 0.41 14.60
CA LYS A 95 -12.86 -0.58 13.85
C LYS A 95 -11.93 -1.55 13.11
N THR A 96 -10.89 -1.01 12.48
CA THR A 96 -9.89 -1.84 11.82
C THR A 96 -9.17 -2.76 12.82
N LEU A 97 -8.79 -2.23 13.97
CA LEU A 97 -8.16 -3.04 15.00
C LEU A 97 -9.08 -4.16 15.48
N SER A 98 -10.35 -3.82 15.64
CA SER A 98 -11.33 -4.79 16.11
C SER A 98 -11.52 -5.92 15.08
N ASP A 99 -11.66 -5.54 13.81
CA ASP A 99 -11.80 -6.55 12.74
C ASP A 99 -10.54 -7.42 12.61
N LEU A 100 -9.37 -6.79 12.65
CA LEU A 100 -8.12 -7.54 12.52
C LEU A 100 -7.77 -8.32 13.79
N LYS A 101 -8.50 -8.03 14.88
CA LYS A 101 -8.28 -8.66 16.18
C LYS A 101 -6.88 -8.38 16.74
N LEU A 102 -6.46 -7.13 16.60
CA LEU A 102 -5.16 -6.68 17.05
C LEU A 102 -5.31 -5.56 18.07
N ASP A 103 -4.27 -5.35 18.88
CA ASP A 103 -4.26 -4.21 19.80
C ASP A 103 -3.37 -3.07 19.33
N TYR A 104 -2.65 -3.27 18.23
CA TYR A 104 -1.99 -2.15 17.53
C TYR A 104 -1.77 -2.52 16.07
N LEU A 105 -1.62 -1.50 15.22
CA LEU A 105 -1.14 -1.67 13.85
C LEU A 105 0.33 -1.28 13.79
N ASP A 106 1.10 -1.94 12.95
CA ASP A 106 2.48 -1.51 12.74
C ASP A 106 2.56 -0.23 11.91
N LEU A 107 1.59 -0.04 11.02
CA LEU A 107 1.57 1.12 10.14
C LEU A 107 0.13 1.41 9.75
N TYR A 108 -0.26 2.68 9.85
CA TYR A 108 -1.59 3.12 9.43
C TYR A 108 -1.41 4.27 8.46
N LEU A 109 -2.03 4.14 7.29
CA LEU A 109 -1.86 5.09 6.20
C LEU A 109 -3.12 5.90 5.93
N ILE A 110 -2.96 7.18 5.59
CA ILE A 110 -4.06 7.89 4.95
C ILE A 110 -4.19 7.30 3.55
N HIS A 111 -5.31 6.66 3.25
CA HIS A 111 -5.42 5.82 2.05
C HIS A 111 -5.30 6.62 0.76
N TRP A 112 -5.95 7.79 0.73
CA TRP A 112 -5.87 8.75 -0.38
C TRP A 112 -5.88 10.15 0.21
N PRO A 113 -5.32 11.14 -0.52
CA PRO A 113 -5.34 12.51 0.01
C PRO A 113 -6.73 13.16 -0.05
N THR A 114 -7.65 12.55 -0.79
CA THR A 114 -9.00 13.06 -0.98
C THR A 114 -9.95 12.67 0.16
N GLY A 115 -10.46 13.65 0.90
CA GLY A 115 -11.47 13.38 1.90
C GLY A 115 -12.88 13.45 1.32
N PHE A 116 -13.75 12.53 1.73
CA PHE A 116 -15.14 12.50 1.25
C PHE A 116 -16.10 12.72 2.41
N LYS A 117 -17.33 13.10 2.10
CA LYS A 117 -18.39 13.22 3.10
C LYS A 117 -18.53 11.93 3.92
N PRO A 118 -18.61 12.05 5.25
N PRO A 118 -18.54 12.04 5.25
CA PRO A 118 -18.74 10.85 6.09
CA PRO A 118 -18.73 10.84 6.09
C PRO A 118 -20.10 10.20 5.98
C PRO A 118 -20.09 10.19 5.90
N GLY A 119 -20.16 8.89 6.21
CA GLY A 119 -21.38 8.14 6.10
C GLY A 119 -21.07 6.71 5.75
N LYS A 120 -22.12 5.94 5.49
CA LYS A 120 -21.96 4.50 5.24
C LYS A 120 -21.38 4.21 3.87
N GLU A 121 -21.58 5.10 2.91
CA GLU A 121 -21.13 4.89 1.54
C GLU A 121 -19.66 5.26 1.39
N PHE A 122 -18.90 4.36 0.78
CA PHE A 122 -17.48 4.60 0.57
C PHE A 122 -17.21 5.72 -0.44
N PHE A 123 -18.11 5.88 -1.41
CA PHE A 123 -18.03 6.90 -2.44
C PHE A 123 -19.35 7.66 -2.49
N PRO A 124 -19.55 8.59 -1.55
CA PRO A 124 -20.83 9.31 -1.52
C PRO A 124 -20.96 10.21 -2.76
N LEU A 125 -22.12 10.15 -3.42
CA LEU A 125 -22.32 10.89 -4.67
C LEU A 125 -23.38 11.96 -4.54
N ASP A 126 -23.22 13.06 -5.27
CA ASP A 126 -24.32 13.99 -5.47
C ASP A 126 -25.25 13.42 -6.54
N GLU A 127 -26.38 14.08 -6.77
CA GLU A 127 -27.38 13.53 -7.69
C GLU A 127 -26.87 13.48 -9.14
N SER A 128 -25.79 14.22 -9.42
CA SER A 128 -25.21 14.26 -10.75
C SER A 128 -24.00 13.33 -10.89
N GLY A 129 -23.70 12.56 -9.84
CA GLY A 129 -22.66 11.54 -9.93
C GLY A 129 -21.27 11.90 -9.45
N ASN A 130 -21.07 13.14 -9.01
CA ASN A 130 -19.77 13.55 -8.49
C ASN A 130 -19.60 13.08 -7.05
N VAL A 131 -18.37 12.73 -6.69
N VAL A 131 -18.37 12.74 -6.67
CA VAL A 131 -18.09 12.41 -5.30
CA VAL A 131 -18.09 12.34 -5.29
C VAL A 131 -18.25 13.67 -4.46
C VAL A 131 -18.05 13.57 -4.37
N VAL A 132 -18.80 13.50 -3.26
CA VAL A 132 -19.00 14.65 -2.39
C VAL A 132 -17.81 14.80 -1.44
N PRO A 133 -17.07 15.91 -1.56
CA PRO A 133 -15.86 16.06 -0.73
C PRO A 133 -16.16 16.45 0.71
N SER A 134 -15.13 16.33 1.54
N SER A 134 -15.12 16.27 1.53
CA SER A 134 -15.20 16.86 2.89
CA SER A 134 -15.03 16.78 2.89
C SER A 134 -14.26 18.04 3.00
C SER A 134 -14.33 18.14 2.86
N ASP A 135 -14.64 19.03 3.80
CA ASP A 135 -13.86 20.26 3.95
C ASP A 135 -12.69 20.14 4.92
N THR A 136 -12.40 18.91 5.31
N THR A 136 -12.39 18.93 5.37
CA THR A 136 -11.27 18.60 6.15
CA THR A 136 -11.32 18.74 6.35
C THR A 136 -9.98 19.01 5.47
C THR A 136 -9.94 18.78 5.70
N ASN A 137 -9.11 19.69 6.21
CA ASN A 137 -7.76 19.90 5.72
C ASN A 137 -6.92 18.67 6.05
N ILE A 138 -6.17 18.18 5.07
CA ILE A 138 -5.31 17.01 5.27
C ILE A 138 -4.32 17.19 6.41
N LEU A 139 -3.93 18.43 6.70
CA LEU A 139 -3.04 18.69 7.83
C LEU A 139 -3.72 18.36 9.15
N ASP A 140 -5.03 18.61 9.21
CA ASP A 140 -5.79 18.25 10.41
C ASP A 140 -5.96 16.74 10.50
N THR A 141 -6.16 16.09 9.37
CA THR A 141 -6.20 14.63 9.36
C THR A 141 -4.86 14.07 9.86
N TRP A 142 -3.76 14.69 9.43
CA TRP A 142 -2.44 14.24 9.88
C TRP A 142 -2.28 14.37 11.38
N ALA A 143 -2.72 15.48 11.94
CA ALA A 143 -2.67 15.67 13.39
C ALA A 143 -3.45 14.56 14.10
N ALA A 144 -4.59 14.16 13.55
CA ALA A 144 -5.36 13.08 14.13
C ALA A 144 -4.62 11.74 14.04
N MET A 145 -3.89 11.53 12.94
CA MET A 145 -3.07 10.33 12.81
C MET A 145 -1.96 10.32 13.88
N GLU A 146 -1.35 11.49 14.12
CA GLU A 146 -0.29 11.59 15.12
C GLU A 146 -0.81 11.18 16.50
N GLU A 147 -2.06 11.54 16.80
CA GLU A 147 -2.65 11.16 18.08
C GLU A 147 -2.71 9.64 18.25
N LEU A 148 -2.92 8.91 17.15
CA LEU A 148 -2.99 7.45 17.23
C LEU A 148 -1.66 6.86 17.68
N VAL A 149 -0.55 7.47 17.27
CA VAL A 149 0.76 7.03 17.74
C VAL A 149 0.86 7.27 19.24
N ASP A 150 0.46 8.47 19.66
CA ASP A 150 0.57 8.85 21.06
C ASP A 150 -0.36 8.08 21.99
N GLU A 151 -1.42 7.50 21.43
N GLU A 151 -1.42 7.49 21.44
CA GLU A 151 -2.37 6.70 22.20
CA GLU A 151 -2.34 6.71 22.25
C GLU A 151 -2.03 5.21 22.21
C GLU A 151 -2.12 5.19 22.10
N GLY A 152 -1.04 4.82 21.40
CA GLY A 152 -0.61 3.44 21.33
C GLY A 152 -1.36 2.54 20.38
N LEU A 153 -2.23 3.11 19.56
CA LEU A 153 -3.00 2.32 18.61
C LEU A 153 -2.18 1.89 17.38
N VAL A 154 -1.19 2.70 17.02
CA VAL A 154 -0.38 2.39 15.84
C VAL A 154 1.08 2.72 16.15
N LYS A 155 2.02 1.97 15.58
CA LYS A 155 3.44 2.21 15.81
C LYS A 155 4.02 3.23 14.84
N ALA A 156 3.40 3.36 13.67
CA ALA A 156 3.85 4.27 12.63
C ALA A 156 2.67 4.75 11.83
N ILE A 157 2.80 5.94 11.26
CA ILE A 157 1.80 6.50 10.38
C ILE A 157 2.43 6.90 9.06
N GLY A 158 1.62 6.89 8.00
CA GLY A 158 2.09 7.26 6.69
C GLY A 158 0.94 7.65 5.78
N ILE A 159 1.26 7.70 4.48
CA ILE A 159 0.34 8.23 3.49
C ILE A 159 0.35 7.31 2.27
N SER A 160 -0.63 7.49 1.38
CA SER A 160 -0.72 6.66 0.19
C SER A 160 -1.35 7.50 -0.92
N ASN A 161 -0.81 7.37 -2.14
CA ASN A 161 -1.32 8.11 -3.29
C ASN A 161 -1.14 9.62 -3.13
N PHE A 162 -0.13 10.05 -2.37
CA PHE A 162 0.17 11.47 -2.24
C PHE A 162 1.21 11.86 -3.30
N ASN A 163 0.95 12.93 -4.03
CA ASN A 163 1.95 13.45 -4.96
C ASN A 163 3.02 14.23 -4.19
N HIS A 164 4.09 14.64 -4.86
CA HIS A 164 5.20 15.24 -4.10
C HIS A 164 4.83 16.55 -3.41
N LEU A 165 3.93 17.33 -4.01
CA LEU A 165 3.47 18.55 -3.36
C LEU A 165 2.64 18.25 -2.12
N GLN A 166 1.88 17.16 -2.16
CA GLN A 166 1.08 16.76 -1.01
C GLN A 166 1.96 16.20 0.11
N VAL A 167 2.99 15.45 -0.26
CA VAL A 167 3.98 15.01 0.72
C VAL A 167 4.65 16.23 1.34
N GLU A 168 5.04 17.18 0.51
CA GLU A 168 5.67 18.40 0.96
C GLU A 168 4.80 19.18 1.94
N MET A 169 3.49 19.22 1.70
N MET A 169 3.49 19.22 1.67
CA MET A 169 2.56 19.89 2.61
CA MET A 169 2.53 19.89 2.55
C MET A 169 2.59 19.26 4.01
C MET A 169 2.60 19.35 3.98
N ILE A 170 2.68 17.94 4.08
N ILE A 170 2.66 18.03 4.12
CA ILE A 170 2.78 17.27 5.37
CA ILE A 170 2.77 17.43 5.44
C ILE A 170 4.12 17.60 6.03
C ILE A 170 4.14 17.69 6.05
N LEU A 171 5.20 17.51 5.25
CA LEU A 171 6.55 17.77 5.76
C LEU A 171 6.71 19.21 6.26
N ASN A 172 5.96 20.13 5.65
CA ASN A 172 6.01 21.54 6.04
C ASN A 172 4.91 21.95 7.02
N LYS A 173 4.14 20.98 7.53
CA LYS A 173 3.05 21.29 8.47
C LYS A 173 3.56 22.01 9.70
N PRO A 174 2.95 23.16 10.03
CA PRO A 174 3.30 23.82 11.29
C PRO A 174 3.10 22.88 12.49
N GLY A 175 4.12 22.75 13.31
CA GLY A 175 4.03 21.90 14.49
C GLY A 175 4.04 20.41 14.21
N LEU A 176 4.50 19.99 13.02
CA LEU A 176 4.61 18.57 12.68
C LEU A 176 5.27 17.77 13.80
N LYS A 177 4.62 16.70 14.24
CA LYS A 177 5.15 15.89 15.35
C LYS A 177 5.83 14.61 14.87
N TYR A 178 5.19 13.90 13.94
CA TYR A 178 5.77 12.69 13.34
C TYR A 178 5.75 12.82 11.83
N LYS A 179 6.90 12.63 11.18
CA LYS A 179 6.94 12.57 9.73
C LYS A 179 6.24 11.31 9.25
N PRO A 180 5.68 11.34 8.03
N PRO A 180 5.67 11.34 8.03
CA PRO A 180 5.22 10.10 7.40
CA PRO A 180 5.15 10.08 7.47
C PRO A 180 6.36 9.09 7.33
C PRO A 180 6.29 9.09 7.26
N ALA A 181 6.08 7.85 7.68
CA ALA A 181 7.09 6.80 7.59
C ALA A 181 7.16 6.21 6.19
N VAL A 182 6.02 6.21 5.49
CA VAL A 182 5.86 5.50 4.23
C VAL A 182 4.92 6.30 3.34
N ASN A 183 5.18 6.30 2.04
CA ASN A 183 4.20 6.67 1.02
C ASN A 183 4.00 5.44 0.13
N GLN A 184 2.78 4.90 0.15
CA GLN A 184 2.46 3.73 -0.67
C GLN A 184 1.83 4.19 -1.99
N ILE A 185 2.47 3.85 -3.10
CA ILE A 185 2.07 4.34 -4.41
C ILE A 185 2.14 3.21 -5.45
N GLU A 186 1.38 3.37 -6.53
CA GLU A 186 1.47 2.44 -7.65
C GLU A 186 2.87 2.48 -8.27
N CYS A 187 3.45 1.33 -8.52
CA CYS A 187 4.77 1.33 -9.15
C CYS A 187 5.07 -0.02 -9.77
N HIS A 188 5.50 0.00 -11.03
CA HIS A 188 5.80 -1.20 -11.81
C HIS A 188 6.51 -0.72 -13.09
N PRO A 189 6.98 -1.64 -13.96
CA PRO A 189 7.74 -1.15 -15.11
C PRO A 189 6.99 -0.23 -16.08
N TYR A 190 5.66 -0.18 -16.04
CA TYR A 190 4.95 0.75 -16.92
C TYR A 190 4.64 2.09 -16.25
N LEU A 191 4.94 2.20 -14.96
CA LEU A 191 4.75 3.43 -14.17
C LEU A 191 5.86 3.43 -13.13
N THR A 192 7.05 3.86 -13.56
CA THR A 192 8.27 3.65 -12.79
C THR A 192 8.50 4.66 -11.66
N GLN A 193 7.86 5.82 -11.74
CA GLN A 193 7.78 6.75 -10.61
C GLN A 193 9.13 7.30 -10.15
N GLU A 194 10.09 7.49 -11.05
CA GLU A 194 11.43 7.91 -10.62
C GLU A 194 11.44 9.22 -9.82
N LYS A 195 10.68 10.20 -10.29
CA LYS A 195 10.66 11.51 -9.63
C LYS A 195 10.11 11.43 -8.21
N LEU A 196 8.95 10.82 -8.04
CA LEU A 196 8.33 10.76 -6.72
C LEU A 196 9.13 9.89 -5.75
N ILE A 197 9.68 8.79 -6.26
CA ILE A 197 10.48 7.90 -5.43
C ILE A 197 11.73 8.61 -4.92
N GLN A 198 12.42 9.31 -5.83
CA GLN A 198 13.61 10.05 -5.43
C GLN A 198 13.27 11.12 -4.39
N TYR A 199 12.17 11.82 -4.61
CA TYR A 199 11.75 12.82 -3.64
C TYR A 199 11.50 12.21 -2.26
N CYS A 200 10.70 11.17 -2.21
CA CYS A 200 10.37 10.55 -0.93
C CYS A 200 11.62 9.99 -0.24
N GLN A 201 12.46 9.28 -0.99
CA GLN A 201 13.66 8.69 -0.40
C GLN A 201 14.60 9.76 0.13
N SER A 202 14.70 10.89 -0.57
CA SER A 202 15.55 11.99 -0.15
C SER A 202 15.07 12.61 1.18
N LYS A 203 13.81 12.36 1.53
CA LYS A 203 13.23 12.87 2.78
C LYS A 203 13.17 11.79 3.87
N GLY A 204 13.72 10.61 3.58
CA GLY A 204 13.73 9.52 4.53
C GLY A 204 12.40 8.80 4.63
N ILE A 205 11.52 9.01 3.65
CA ILE A 205 10.23 8.33 3.58
C ILE A 205 10.37 7.07 2.74
N VAL A 206 10.02 5.91 3.30
CA VAL A 206 10.10 4.66 2.57
C VAL A 206 8.93 4.54 1.61
N VAL A 207 9.19 4.08 0.39
CA VAL A 207 8.12 3.91 -0.58
C VAL A 207 7.71 2.44 -0.67
N THR A 208 6.41 2.20 -0.61
CA THR A 208 5.85 0.88 -0.90
C THR A 208 5.23 0.90 -2.29
N ALA A 209 5.62 -0.06 -3.14
CA ALA A 209 5.08 -0.21 -4.50
C ALA A 209 3.85 -1.10 -4.45
N TYR A 210 2.71 -0.54 -4.85
CA TYR A 210 1.49 -1.33 -4.98
C TYR A 210 1.21 -1.68 -6.45
N SER A 211 0.32 -2.66 -6.65
CA SER A 211 0.03 -3.22 -7.98
C SER A 211 1.31 -3.55 -8.77
N PRO A 212 2.27 -4.26 -8.15
CA PRO A 212 3.54 -4.50 -8.85
C PRO A 212 3.42 -5.41 -10.06
N LEU A 213 2.31 -6.15 -10.16
CA LEU A 213 2.06 -7.02 -11.32
C LEU A 213 1.11 -6.37 -12.32
N GLY A 214 0.76 -5.11 -12.08
CA GLY A 214 -0.17 -4.41 -12.95
C GLY A 214 -1.64 -4.66 -12.65
N SER A 215 -1.93 -5.23 -11.48
CA SER A 215 -3.31 -5.47 -11.06
C SER A 215 -4.21 -6.05 -12.16
N PRO A 216 -3.83 -7.21 -12.74
CA PRO A 216 -4.66 -7.74 -13.83
C PRO A 216 -6.09 -8.06 -13.43
N ASP A 217 -6.38 -8.20 -12.14
CA ASP A 217 -7.75 -8.44 -11.68
C ASP A 217 -8.52 -7.18 -11.28
N ARG A 218 -7.97 -6.00 -11.53
CA ARG A 218 -8.70 -4.77 -11.24
C ARG A 218 -10.02 -4.79 -11.99
N PRO A 219 -11.10 -4.32 -11.36
CA PRO A 219 -12.40 -4.57 -12.00
C PRO A 219 -12.63 -3.82 -13.32
N TRP A 220 -11.86 -2.78 -13.58
CA TRP A 220 -12.02 -1.96 -14.78
C TRP A 220 -11.01 -2.31 -15.87
N ALA A 221 -10.35 -3.45 -15.72
CA ALA A 221 -9.44 -3.93 -16.76
C ALA A 221 -10.16 -4.12 -18.09
N LYS A 222 -9.47 -3.78 -19.18
CA LYS A 222 -10.00 -4.01 -20.52
C LYS A 222 -9.12 -5.05 -21.22
N PRO A 223 -9.71 -5.85 -22.14
CA PRO A 223 -8.95 -6.91 -22.82
C PRO A 223 -7.70 -6.41 -23.55
N GLU A 224 -7.76 -5.20 -24.09
CA GLU A 224 -6.66 -4.67 -24.90
C GLU A 224 -5.57 -3.98 -24.09
N ASP A 225 -5.77 -3.87 -22.79
CA ASP A 225 -4.83 -3.18 -21.91
C ASP A 225 -3.44 -3.83 -21.89
N PRO A 226 -2.40 -3.02 -21.63
CA PRO A 226 -1.04 -3.58 -21.46
C PRO A 226 -1.02 -4.64 -20.37
N SER A 227 -0.13 -5.61 -20.52
CA SER A 227 -0.01 -6.70 -19.57
C SER A 227 1.44 -6.97 -19.22
N LEU A 228 1.84 -6.60 -18.00
CA LEU A 228 3.20 -6.82 -17.54
C LEU A 228 3.56 -8.30 -17.55
N LEU A 229 2.65 -9.13 -17.04
CA LEU A 229 2.91 -10.54 -16.90
C LEU A 229 3.11 -11.22 -18.24
N GLU A 230 2.59 -10.61 -19.30
CA GLU A 230 2.70 -11.16 -20.66
C GLU A 230 3.70 -10.44 -21.57
N ASP A 231 4.40 -9.45 -21.03
CA ASP A 231 5.36 -8.69 -21.81
C ASP A 231 6.56 -9.60 -22.16
N PRO A 232 6.77 -9.85 -23.47
CA PRO A 232 7.84 -10.81 -23.83
C PRO A 232 9.23 -10.36 -23.39
N ARG A 233 9.43 -9.06 -23.27
CA ARG A 233 10.74 -8.55 -22.86
C ARG A 233 11.02 -8.90 -21.39
N ILE A 234 9.98 -8.82 -20.58
CA ILE A 234 10.12 -9.14 -19.17
C ILE A 234 10.23 -10.66 -19.01
N LYS A 235 9.46 -11.39 -19.81
CA LYS A 235 9.57 -12.84 -19.86
C LYS A 235 11.00 -13.29 -20.17
N ALA A 236 11.67 -12.59 -21.08
CA ALA A 236 13.04 -12.94 -21.45
C ALA A 236 14.03 -12.71 -20.30
N ILE A 237 13.84 -11.63 -19.56
CA ILE A 237 14.68 -11.37 -18.40
C ILE A 237 14.46 -12.47 -17.35
N ALA A 238 13.20 -12.83 -17.12
CA ALA A 238 12.87 -13.93 -16.21
C ALA A 238 13.56 -15.23 -16.62
N ALA A 239 13.50 -15.56 -17.91
CA ALA A 239 14.05 -16.81 -18.41
C ALA A 239 15.55 -16.87 -18.17
N LYS A 240 16.21 -15.72 -18.32
CA LYS A 240 17.65 -15.62 -18.12
C LYS A 240 18.02 -16.02 -16.69
N HIS A 241 17.15 -15.70 -15.74
CA HIS A 241 17.39 -15.99 -14.33
C HIS A 241 16.71 -17.27 -13.85
N ASN A 242 16.06 -18.00 -14.76
CA ASN A 242 15.26 -19.17 -14.38
C ASN A 242 14.22 -18.84 -13.30
N LYS A 243 13.55 -17.71 -13.46
CA LYS A 243 12.49 -17.27 -12.56
C LYS A 243 11.26 -16.99 -13.40
N THR A 244 10.12 -16.80 -12.73
CA THR A 244 8.92 -16.42 -13.45
C THR A 244 8.88 -14.91 -13.67
N THR A 245 8.03 -14.48 -14.59
CA THR A 245 7.85 -13.05 -14.82
C THR A 245 7.38 -12.34 -13.55
N ALA A 246 6.46 -12.96 -12.81
CA ALA A 246 6.01 -12.39 -11.54
C ALA A 246 7.18 -12.20 -10.57
N GLN A 247 8.07 -13.17 -10.50
CA GLN A 247 9.23 -13.06 -9.61
C GLN A 247 10.15 -11.90 -9.98
N VAL A 248 10.36 -11.69 -11.28
CA VAL A 248 11.11 -10.52 -11.74
C VAL A 248 10.40 -9.21 -11.37
N LEU A 249 9.08 -9.18 -11.55
CA LEU A 249 8.30 -7.99 -11.25
C LEU A 249 8.32 -7.65 -9.76
N ILE A 250 8.50 -8.65 -8.92
CA ILE A 250 8.56 -8.45 -7.47
C ILE A 250 9.97 -8.06 -7.04
N ARG A 251 10.97 -8.70 -7.65
CA ARG A 251 12.37 -8.41 -7.33
C ARG A 251 12.77 -6.99 -7.74
N PHE A 252 12.20 -6.52 -8.84
CA PHE A 252 12.51 -5.20 -9.41
C PHE A 252 12.39 -4.05 -8.37
N PRO A 253 11.20 -3.85 -7.76
CA PRO A 253 11.12 -2.79 -6.73
C PRO A 253 12.02 -3.04 -5.51
N MET A 254 12.23 -4.30 -5.13
CA MET A 254 13.10 -4.61 -4.01
C MET A 254 14.50 -4.01 -4.22
N GLN A 255 15.01 -4.11 -5.45
CA GLN A 255 16.33 -3.60 -5.75
C GLN A 255 16.39 -2.09 -5.92
N ARG A 256 15.23 -1.42 -5.84
CA ARG A 256 15.18 0.03 -5.83
C ARG A 256 14.99 0.55 -4.40
N ASN A 257 15.19 -0.32 -3.42
CA ASN A 257 14.97 0.00 -2.00
C ASN A 257 13.52 0.31 -1.67
N LEU A 258 12.61 -0.33 -2.40
CA LEU A 258 11.17 -0.21 -2.13
C LEU A 258 10.67 -1.45 -1.40
N VAL A 259 9.55 -1.27 -0.71
CA VAL A 259 8.75 -2.37 -0.20
C VAL A 259 7.76 -2.73 -1.30
N VAL A 260 7.35 -4.00 -1.42
CA VAL A 260 6.45 -4.41 -2.48
C VAL A 260 5.41 -5.40 -1.94
N ILE A 261 4.17 -5.27 -2.41
CA ILE A 261 3.04 -5.99 -1.82
C ILE A 261 2.15 -6.71 -2.83
N PRO A 262 2.72 -7.69 -3.57
CA PRO A 262 1.89 -8.43 -4.52
C PRO A 262 0.71 -9.15 -3.85
N LYS A 263 -0.44 -9.12 -4.54
CA LYS A 263 -1.63 -9.81 -4.05
C LYS A 263 -1.82 -11.16 -4.74
N SER A 264 -2.13 -12.18 -3.95
CA SER A 264 -2.64 -13.44 -4.51
C SER A 264 -3.50 -14.15 -3.48
N VAL A 265 -4.50 -14.89 -3.97
CA VAL A 265 -5.23 -15.85 -3.14
C VAL A 265 -4.97 -17.28 -3.58
N THR A 266 -4.01 -17.46 -4.49
CA THR A 266 -3.67 -18.79 -5.01
C THR A 266 -2.46 -19.32 -4.25
N PRO A 267 -2.63 -20.41 -3.48
CA PRO A 267 -1.51 -20.87 -2.65
C PRO A 267 -0.17 -21.05 -3.40
N GLU A 268 -0.19 -21.61 -4.60
CA GLU A 268 1.04 -21.81 -5.37
C GLU A 268 1.70 -20.48 -5.73
N ARG A 269 0.90 -19.46 -6.04
CA ARG A 269 1.45 -18.14 -6.38
C ARG A 269 1.94 -17.39 -5.15
N ILE A 270 1.24 -17.53 -4.03
CA ILE A 270 1.67 -16.92 -2.78
C ILE A 270 3.09 -17.41 -2.46
N ALA A 271 3.31 -18.72 -2.61
CA ALA A 271 4.63 -19.29 -2.39
C ALA A 271 5.64 -18.83 -3.43
N GLU A 272 5.25 -18.85 -4.71
CA GLU A 272 6.11 -18.40 -5.81
C GLU A 272 6.60 -16.97 -5.58
N ASN A 273 5.68 -16.10 -5.17
CA ASN A 273 5.96 -14.68 -5.02
C ASN A 273 6.93 -14.39 -3.89
N PHE A 274 7.07 -15.32 -2.95
CA PHE A 274 7.98 -15.16 -1.85
C PHE A 274 9.41 -15.60 -2.19
N LYS A 275 9.55 -16.40 -3.25
CA LYS A 275 10.85 -16.96 -3.63
C LYS A 275 11.62 -15.99 -4.52
N VAL A 276 11.98 -14.85 -3.94
CA VAL A 276 12.58 -13.75 -4.67
C VAL A 276 13.82 -13.21 -3.95
N PHE A 277 14.33 -13.99 -3.00
CA PHE A 277 15.52 -13.61 -2.24
C PHE A 277 16.74 -14.44 -2.64
N ASP A 278 16.69 -15.09 -3.80
CA ASP A 278 17.76 -15.99 -4.22
C ASP A 278 18.36 -15.64 -5.59
N PHE A 279 18.04 -14.46 -6.10
CA PHE A 279 18.62 -14.02 -7.36
C PHE A 279 18.75 -12.51 -7.42
N GLU A 280 19.59 -12.01 -8.32
CA GLU A 280 19.81 -10.58 -8.45
C GLU A 280 19.71 -10.11 -9.90
N LEU A 281 18.87 -9.12 -10.15
CA LEU A 281 18.84 -8.45 -11.45
C LEU A 281 20.08 -7.57 -11.60
N SER A 282 20.70 -7.59 -12.77
CA SER A 282 21.87 -6.75 -13.00
C SER A 282 21.47 -5.28 -13.11
N SER A 283 22.43 -4.37 -12.96
CA SER A 283 22.17 -2.95 -13.17
C SER A 283 21.55 -2.72 -14.55
N GLN A 284 22.06 -3.44 -15.54
CA GLN A 284 21.54 -3.40 -16.90
C GLN A 284 20.08 -3.88 -16.94
N ASP A 285 19.78 -4.99 -16.26
CA ASP A 285 18.41 -5.51 -16.13
C ASP A 285 17.51 -4.42 -15.54
N MET A 286 18.00 -3.78 -14.49
CA MET A 286 17.22 -2.76 -13.78
C MET A 286 16.90 -1.58 -14.68
N THR A 287 17.91 -1.05 -15.35
N THR A 287 17.91 -1.04 -15.35
CA THR A 287 17.72 0.09 -16.25
CA THR A 287 17.69 0.10 -16.24
C THR A 287 16.82 -0.30 -17.43
C THR A 287 16.83 -0.28 -17.45
N THR A 288 16.96 -1.52 -17.90
CA THR A 288 16.13 -2.00 -18.99
C THR A 288 14.66 -2.05 -18.54
N LEU A 289 14.41 -2.59 -17.35
CA LEU A 289 13.05 -2.59 -16.81
C LEU A 289 12.50 -1.17 -16.63
N LEU A 290 13.33 -0.26 -16.12
CA LEU A 290 12.93 1.13 -15.98
C LEU A 290 12.56 1.74 -17.33
N SER A 291 13.21 1.28 -18.40
CA SER A 291 13.01 1.88 -19.73
C SER A 291 11.62 1.60 -20.27
N TYR A 292 10.90 0.66 -19.65
CA TYR A 292 9.58 0.28 -20.14
C TYR A 292 8.49 1.23 -19.67
N ASN A 293 8.86 2.25 -18.90
CA ASN A 293 7.87 3.20 -18.41
C ASN A 293 7.01 3.80 -19.52
N ARG A 294 5.69 3.81 -19.29
CA ARG A 294 4.76 4.42 -20.23
C ARG A 294 3.82 5.39 -19.53
N ASN A 295 4.09 5.65 -18.25
CA ASN A 295 3.19 6.47 -17.43
C ASN A 295 1.77 5.91 -17.45
N TRP A 296 1.68 4.58 -17.39
CA TRP A 296 0.41 3.89 -17.43
C TRP A 296 -0.03 3.55 -16.02
N ARG A 297 -1.12 4.17 -15.61
CA ARG A 297 -1.59 4.11 -14.25
C ARG A 297 -2.84 3.25 -14.22
N VAL A 298 -2.81 2.15 -13.46
CA VAL A 298 -3.99 1.29 -13.33
C VAL A 298 -4.96 1.77 -12.25
N CYS A 299 -4.46 2.55 -11.28
CA CYS A 299 -5.32 3.11 -10.24
C CYS A 299 -5.31 4.64 -10.34
N ALA A 300 -6.16 5.18 -11.21
CA ALA A 300 -6.14 6.62 -11.46
C ALA A 300 -7.28 7.38 -10.77
N LEU A 301 -8.12 6.68 -10.03
CA LEU A 301 -9.20 7.31 -9.26
C LEU A 301 -10.01 8.26 -10.15
N LEU A 302 -10.38 7.78 -11.33
CA LEU A 302 -11.06 8.63 -12.31
C LEU A 302 -12.38 9.16 -11.76
N SER A 303 -12.97 8.42 -10.84
CA SER A 303 -14.19 8.84 -10.14
C SER A 303 -14.07 10.20 -9.43
N CYS A 304 -12.84 10.61 -9.15
CA CYS A 304 -12.60 11.76 -8.29
C CYS A 304 -11.73 12.85 -8.91
N THR A 305 -11.66 12.90 -10.23
CA THR A 305 -10.82 13.90 -10.90
C THR A 305 -11.21 15.34 -10.57
N SER A 306 -12.47 15.56 -10.21
CA SER A 306 -12.95 16.90 -9.86
C SER A 306 -12.59 17.30 -8.42
N HIS A 307 -12.22 16.34 -7.59
CA HIS A 307 -11.90 16.62 -6.19
C HIS A 307 -10.68 17.52 -6.10
N LYS A 308 -10.74 18.54 -5.24
CA LYS A 308 -9.66 19.52 -5.13
C LYS A 308 -8.31 18.89 -4.78
N ASP A 309 -8.33 17.75 -4.09
CA ASP A 309 -7.09 17.08 -3.70
C ASP A 309 -6.74 15.86 -4.55
N TYR A 310 -7.39 15.73 -5.71
CA TYR A 310 -7.03 14.68 -6.66
C TYR A 310 -5.52 14.71 -6.91
N PRO A 311 -4.85 13.56 -6.72
CA PRO A 311 -3.37 13.59 -6.70
C PRO A 311 -2.68 13.55 -8.04
N PHE A 312 -3.38 13.19 -9.11
CA PHE A 312 -2.68 12.84 -10.35
C PHE A 312 -2.77 13.86 -11.50
N HIS A 313 -3.13 15.11 -11.19
CA HIS A 313 -2.99 16.20 -12.16
C HIS A 313 -1.53 16.64 -12.25
N GLU A 314 -0.86 16.68 -11.09
CA GLU A 314 0.54 17.04 -11.02
C GLU A 314 1.38 16.00 -11.74
N GLU A 315 2.50 16.42 -12.31
CA GLU A 315 3.40 15.49 -12.99
C GLU A 315 3.82 14.37 -12.04
N PHE A 316 4.13 14.75 -10.80
CA PHE A 316 4.50 13.75 -9.80
C PHE A 316 4.28 14.29 -8.41
#